data_1XR5
#
_entry.id   1XR5
#
_cell.length_a   97.326
_cell.length_b   97.326
_cell.length_c   153.113
_cell.angle_alpha   90.00
_cell.angle_beta   90.00
_cell.angle_gamma   120.00
#
_symmetry.space_group_name_H-M   'P 31 2 1'
#
loop_
_entity.id
_entity.type
_entity.pdbx_description
1 polymer 'Genome polyprotein'
2 non-polymer 'SAMARIUM (III) ION'
3 water water
#
_entity_poly.entity_id   1
_entity_poly.type   'polypeptide(L)'
_entity_poly.pdbx_seq_one_letter_code
;GQVIARHKVREFNINPVNTPTKSKLHPSVFYDVFPGDKEPAVLSDNDPRLEVKLTESLFSKYKGNVNTEPTENMLVAVDH
YAGQLLSLDIPTSELTLKEALYGVDGLEPIDITTSAGFPYVSLGIKKRDILNKETQDTEKMKFYLDKYGIDLPLVTYIKD
ELRSVDKVRLGKSRLIEASSLNDSVNMRMKLGNLYKAFHQNPGVLTGSAVGCDPDVFWSVIPCLMDGHLMAFDYSNFDAS
LSPVWFVCLEKVLTKLGFAGSSLIQSICNTHHIFRDEIYVVEGGMPSGCSGTSIFNSMINNIIIRTLILDAYKGIDLDKL
KILAYGDDLIVSYPYELDPQVLATLGKNYGLTITPPDKSETFTKMTWENLTFLKRYFKPDQQFPFLVHPVMPMKDIHESI
RWTKDPKNTQDHVRSLCMLAWHSGEKEYNEFIQKIRTTDIGKCLILPEYSVLRRRWLDLFHHHHHH
;
_entity_poly.pdbx_strand_id   A
#
# COMPACT_ATOMS: atom_id res chain seq x y z
N GLY A 1 11.85 9.33 8.85
CA GLY A 1 13.09 8.74 8.28
C GLY A 1 13.99 9.79 7.66
N GLN A 2 15.28 9.76 7.98
CA GLN A 2 16.26 10.65 7.36
C GLN A 2 17.43 9.91 6.74
N VAL A 3 17.94 10.46 5.64
CA VAL A 3 19.10 9.90 4.94
C VAL A 3 20.36 10.25 5.72
N ILE A 4 20.92 9.26 6.42
CA ILE A 4 22.11 9.49 7.25
C ILE A 4 23.43 9.53 6.48
N ALA A 5 23.50 8.89 5.31
CA ALA A 5 24.75 8.81 4.57
C ALA A 5 24.59 8.40 3.10
N ARG A 6 25.46 8.97 2.25
CA ARG A 6 25.49 8.63 0.83
C ARG A 6 26.89 8.22 0.38
N HIS A 7 26.93 7.12 -0.35
CA HIS A 7 28.16 6.59 -0.90
C HIS A 7 27.95 6.28 -2.36
N LYS A 8 29.03 5.90 -3.04
CA LYS A 8 28.94 5.40 -4.40
C LYS A 8 29.05 3.89 -4.36
N VAL A 9 28.45 3.23 -5.34
CA VAL A 9 28.47 1.76 -5.37
C VAL A 9 29.90 1.23 -5.49
N ARG A 10 30.76 2.01 -6.15
CA ARG A 10 32.19 1.73 -6.24
C ARG A 10 32.85 1.42 -4.89
N GLU A 11 32.52 2.22 -3.87
CA GLU A 11 33.05 2.07 -2.52
C GLU A 11 32.75 0.68 -1.93
N PHE A 12 31.55 0.15 -2.20
CA PHE A 12 31.15 -1.17 -1.75
C PHE A 12 31.41 -2.29 -2.75
N ASN A 13 32.02 -1.94 -3.89
CA ASN A 13 32.16 -2.82 -5.05
C ASN A 13 30.81 -3.45 -5.42
N ILE A 14 29.97 -2.65 -6.05
CA ILE A 14 28.64 -3.07 -6.45
C ILE A 14 28.37 -2.50 -7.84
N ASN A 15 27.93 -3.37 -8.74
CA ASN A 15 27.59 -2.92 -10.08
C ASN A 15 26.32 -2.07 -10.00
N PRO A 16 26.36 -0.85 -10.55
CA PRO A 16 25.20 0.05 -10.49
C PRO A 16 24.02 -0.49 -11.31
N VAL A 17 22.90 0.21 -11.26
CA VAL A 17 21.68 -0.19 -11.97
C VAL A 17 21.23 0.92 -12.92
N ASN A 18 21.02 0.56 -14.19
CA ASN A 18 20.48 1.51 -15.17
C ASN A 18 18.96 1.60 -15.00
N THR A 19 18.53 2.56 -14.18
CA THR A 19 17.11 2.74 -13.84
C THR A 19 16.29 3.09 -15.10
N PRO A 20 15.22 2.34 -15.36
CA PRO A 20 14.33 2.62 -16.49
C PRO A 20 14.04 4.13 -16.61
N THR A 21 14.65 4.78 -17.60
CA THR A 21 14.61 6.23 -17.68
C THR A 21 13.68 6.77 -18.78
N LYS A 22 12.56 6.09 -18.99
CA LYS A 22 11.51 6.55 -19.92
C LYS A 22 10.15 5.96 -19.52
N SER A 23 9.12 6.80 -19.55
CA SER A 23 7.76 6.34 -19.24
C SER A 23 7.20 5.48 -20.39
N LYS A 24 6.69 4.30 -20.06
CA LYS A 24 6.00 3.45 -21.05
C LYS A 24 4.54 3.86 -21.23
N LEU A 25 4.07 4.85 -20.48
CA LEU A 25 2.70 5.34 -20.58
C LEU A 25 2.54 6.34 -21.72
N HIS A 26 1.68 6.00 -22.67
CA HIS A 26 1.35 6.86 -23.80
C HIS A 26 -0.14 7.19 -23.70
N PRO A 27 -0.60 8.23 -24.40
CA PRO A 27 -2.04 8.51 -24.42
C PRO A 27 -2.84 7.47 -25.20
N SER A 28 -3.90 6.96 -24.59
CA SER A 28 -4.83 6.06 -25.25
C SER A 28 -5.72 6.86 -26.18
N VAL A 29 -6.60 6.16 -26.90
CA VAL A 29 -7.57 6.80 -27.78
C VAL A 29 -8.69 7.53 -27.04
N PHE A 30 -8.81 7.26 -25.75
CA PHE A 30 -9.84 7.88 -24.91
C PHE A 30 -9.35 9.20 -24.31
N TYR A 31 -8.15 9.60 -24.72
CA TYR A 31 -7.49 10.82 -24.22
C TYR A 31 -8.29 12.08 -24.55
N ASP A 32 -8.86 12.11 -25.75
CA ASP A 32 -9.66 13.25 -26.20
C ASP A 32 -11.11 13.19 -25.75
N VAL A 33 -11.65 11.98 -25.55
CA VAL A 33 -13.09 11.81 -25.31
C VAL A 33 -13.48 11.99 -23.83
N PHE A 34 -12.54 11.74 -22.92
CA PHE A 34 -12.74 11.93 -21.48
C PHE A 34 -11.84 13.04 -20.95
N PRO A 35 -12.18 13.61 -19.79
CA PRO A 35 -11.34 14.66 -19.20
C PRO A 35 -10.36 14.15 -18.13
N GLY A 36 -9.22 14.84 -18.01
CA GLY A 36 -8.25 14.58 -16.96
C GLY A 36 -7.04 15.51 -17.01
N ASP A 37 -6.33 15.62 -15.89
CA ASP A 37 -5.11 16.41 -15.82
C ASP A 37 -3.87 15.52 -15.74
N LYS A 38 -3.81 14.67 -14.72
CA LYS A 38 -2.71 13.74 -14.48
C LYS A 38 -1.94 13.31 -15.73
N GLU A 39 -0.62 13.52 -15.71
CA GLU A 39 0.28 12.99 -16.73
C GLU A 39 1.19 11.96 -16.07
N PRO A 40 1.97 11.21 -16.85
CA PRO A 40 2.99 10.31 -16.28
C PRO A 40 4.06 11.00 -15.43
N ALA A 41 4.61 10.24 -14.50
CA ALA A 41 5.57 10.74 -13.54
C ALA A 41 6.89 11.03 -14.22
N VAL A 42 7.74 11.82 -13.56
CA VAL A 42 9.04 12.15 -14.11
C VAL A 42 10.03 11.04 -13.78
N LEU A 43 10.68 10.50 -14.80
CA LEU A 43 11.65 9.42 -14.63
C LEU A 43 13.08 9.82 -15.03
N SER A 44 13.25 11.05 -15.50
CA SER A 44 14.56 11.52 -15.99
C SER A 44 14.81 12.99 -15.64
N ASP A 45 16.08 13.32 -15.42
CA ASP A 45 16.49 14.66 -14.94
C ASP A 45 16.25 15.77 -15.98
N ASN A 46 16.17 15.37 -17.25
CA ASN A 46 15.99 16.29 -18.37
C ASN A 46 14.50 16.63 -18.65
N ASP A 47 13.63 15.63 -18.60
CA ASP A 47 12.17 15.78 -18.72
C ASP A 47 11.70 17.26 -18.66
N PRO A 48 11.46 17.86 -19.83
CA PRO A 48 11.16 19.29 -19.98
C PRO A 48 10.13 19.97 -19.05
N ARG A 49 9.17 19.26 -18.48
CA ARG A 49 8.12 19.88 -17.63
C ARG A 49 8.55 19.97 -16.14
N LEU A 50 9.81 19.62 -15.89
CA LEU A 50 10.40 19.58 -14.57
C LEU A 50 10.90 20.96 -14.19
N GLU A 51 10.42 21.51 -13.07
CA GLU A 51 10.83 22.83 -12.59
C GLU A 51 11.67 22.75 -11.30
N VAL A 52 12.49 21.70 -11.20
CA VAL A 52 13.18 21.39 -9.95
C VAL A 52 14.27 20.30 -10.15
N LYS A 53 15.28 20.31 -9.29
CA LYS A 53 16.35 19.30 -9.33
C LYS A 53 15.77 17.96 -8.90
N LEU A 54 15.90 16.95 -9.75
CA LEU A 54 15.23 15.66 -9.51
C LEU A 54 15.85 14.88 -8.34
N THR A 55 17.17 14.88 -8.25
CA THR A 55 17.88 14.19 -7.18
C THR A 55 17.31 14.59 -5.80
N GLU A 56 17.25 15.90 -5.56
CA GLU A 56 16.72 16.45 -4.31
C GLU A 56 15.23 16.08 -4.13
N SER A 57 14.47 16.21 -5.21
CA SER A 57 13.03 15.93 -5.25
C SER A 57 12.67 14.52 -4.80
N LEU A 58 13.33 13.55 -5.41
CA LEU A 58 13.06 12.13 -5.18
C LEU A 58 13.20 11.73 -3.72
N PHE A 59 14.04 12.47 -2.98
CA PHE A 59 14.37 12.15 -1.59
C PHE A 59 13.95 13.22 -0.58
N SER A 60 13.28 14.27 -1.04
CA SER A 60 12.74 15.30 -0.14
C SER A 60 11.75 14.70 0.87
N LYS A 61 11.08 13.62 0.46
CA LYS A 61 10.15 12.86 1.32
C LYS A 61 10.70 12.50 2.70
N TYR A 62 12.03 12.38 2.80
CA TYR A 62 12.71 12.14 4.08
C TYR A 62 12.95 13.47 4.79
N LYS A 63 11.89 13.95 5.45
CA LYS A 63 11.85 15.28 6.08
C LYS A 63 12.79 15.37 7.29
N GLY A 64 12.73 14.38 8.16
CA GLY A 64 13.57 14.34 9.34
C GLY A 64 13.38 13.02 10.05
N ASN A 65 13.44 13.04 11.38
CA ASN A 65 13.34 11.83 12.18
C ASN A 65 13.29 12.11 13.68
N VAL A 66 12.14 11.88 14.30
CA VAL A 66 11.97 12.07 15.74
C VAL A 66 12.55 10.89 16.52
N ASN A 67 13.33 11.20 17.55
CA ASN A 67 14.01 10.18 18.34
C ASN A 67 13.52 10.16 19.79
N THR A 68 12.83 9.07 20.14
CA THR A 68 12.44 8.78 21.52
C THR A 68 12.49 7.28 21.79
N GLU A 69 12.49 6.92 23.07
CA GLU A 69 12.11 5.57 23.45
C GLU A 69 10.59 5.63 23.52
N PRO A 70 9.92 4.48 23.39
CA PRO A 70 8.46 4.48 23.35
C PRO A 70 7.80 5.13 24.57
N THR A 71 6.93 6.11 24.31
CA THR A 71 6.09 6.79 25.30
C THR A 71 5.31 5.79 26.17
N GLU A 72 4.83 6.25 27.33
CA GLU A 72 3.93 5.42 28.15
C GLU A 72 2.65 5.09 27.39
N ASN A 73 2.05 6.09 26.75
CA ASN A 73 0.86 5.91 25.92
C ASN A 73 1.12 4.99 24.74
N MET A 74 2.27 5.15 24.11
CA MET A 74 2.71 4.27 23.03
C MET A 74 2.68 2.82 23.50
N LEU A 75 3.19 2.60 24.71
CA LEU A 75 3.33 1.27 25.28
C LEU A 75 2.00 0.61 25.62
N VAL A 76 1.03 1.40 26.05
CA VAL A 76 -0.32 0.90 26.30
C VAL A 76 -0.89 0.36 25.01
N ALA A 77 -0.70 1.12 23.93
CA ALA A 77 -1.29 0.82 22.62
C ALA A 77 -0.79 -0.49 22.05
N VAL A 78 0.47 -0.82 22.30
CA VAL A 78 1.04 -2.06 21.77
C VAL A 78 0.53 -3.27 22.57
N ASP A 79 0.35 -3.11 23.87
CA ASP A 79 -0.19 -4.19 24.71
C ASP A 79 -1.66 -4.45 24.40
N HIS A 80 -2.38 -3.38 24.07
CA HIS A 80 -3.78 -3.47 23.70
C HIS A 80 -3.93 -4.07 22.30
N TYR A 81 -3.14 -3.58 21.36
CA TYR A 81 -3.22 -4.05 19.97
C TYR A 81 -2.73 -5.49 19.88
N ALA A 82 -1.66 -5.80 20.60
CA ALA A 82 -1.10 -7.14 20.61
C ALA A 82 -2.10 -8.07 21.27
N GLY A 83 -2.74 -7.58 22.34
CA GLY A 83 -3.83 -8.28 23.02
C GLY A 83 -4.91 -8.78 22.07
N GLN A 84 -5.53 -7.86 21.33
CA GLN A 84 -6.50 -8.21 20.29
C GLN A 84 -5.96 -9.28 19.35
N LEU A 85 -4.68 -9.18 19.00
CA LEU A 85 -4.08 -10.07 18.01
C LEU A 85 -3.83 -11.48 18.56
N LEU A 86 -3.67 -11.60 19.89
CA LEU A 86 -3.51 -12.91 20.54
C LEU A 86 -4.78 -13.74 20.42
N SER A 87 -5.94 -13.08 20.57
CA SER A 87 -7.26 -13.71 20.46
C SER A 87 -7.49 -14.45 19.15
N LEU A 88 -6.83 -14.00 18.10
CA LEU A 88 -6.93 -14.61 16.78
C LEU A 88 -6.28 -15.99 16.75
N ASP A 89 -5.40 -16.22 17.73
CA ASP A 89 -4.58 -17.43 17.84
C ASP A 89 -3.82 -17.70 16.56
N ILE A 90 -2.81 -16.87 16.32
CA ILE A 90 -1.99 -16.99 15.12
C ILE A 90 -0.86 -17.97 15.44
N PRO A 91 -0.63 -18.94 14.55
CA PRO A 91 0.49 -19.87 14.72
C PRO A 91 1.84 -19.16 14.65
N THR A 92 2.73 -19.44 15.61
CA THR A 92 4.06 -18.82 15.62
C THR A 92 5.08 -19.69 14.90
N SER A 93 4.62 -20.83 14.41
CA SER A 93 5.43 -21.74 13.60
C SER A 93 5.88 -21.03 12.34
N GLU A 94 7.08 -21.33 11.86
CA GLU A 94 7.58 -20.71 10.65
C GLU A 94 7.24 -21.55 9.41
N LEU A 95 7.26 -20.91 8.25
CA LEU A 95 6.95 -21.56 6.98
C LEU A 95 8.21 -22.22 6.37
N THR A 96 7.96 -23.01 5.32
CA THR A 96 9.00 -23.76 4.63
C THR A 96 9.38 -23.07 3.32
N LEU A 97 10.67 -23.12 2.99
CA LEU A 97 11.15 -22.70 1.67
C LEU A 97 10.17 -23.00 0.53
N LYS A 98 9.42 -24.10 0.66
CA LYS A 98 8.46 -24.51 -0.37
C LYS A 98 7.14 -23.77 -0.20
N GLU A 99 6.67 -23.69 1.04
CA GLU A 99 5.47 -22.93 1.37
C GLU A 99 5.66 -21.44 1.03
N ALA A 100 6.64 -20.81 1.68
CA ALA A 100 7.00 -19.42 1.42
C ALA A 100 7.24 -19.09 -0.06
N LEU A 101 7.76 -20.05 -0.82
CA LEU A 101 8.06 -19.83 -2.23
C LEU A 101 6.80 -19.84 -3.11
N TYR A 102 5.93 -20.80 -2.88
CA TYR A 102 4.82 -21.08 -3.78
C TYR A 102 3.45 -21.00 -3.10
N GLY A 103 3.42 -20.37 -1.94
CA GLY A 103 2.19 -20.14 -1.19
C GLY A 103 1.65 -21.31 -0.41
N VAL A 104 0.80 -21.00 0.58
CA VAL A 104 -0.14 -21.95 1.16
C VAL A 104 -1.53 -21.30 1.05
N ASP A 105 -2.56 -21.93 1.62
CA ASP A 105 -3.89 -21.33 1.65
C ASP A 105 -3.92 -20.19 2.69
N GLY A 106 -4.00 -18.96 2.17
CA GLY A 106 -3.79 -17.74 2.95
C GLY A 106 -2.77 -16.85 2.26
N LEU A 107 -1.62 -17.42 1.89
CA LEU A 107 -0.58 -16.73 1.13
C LEU A 107 -0.72 -16.99 -0.37
N GLU A 108 -0.06 -16.18 -1.18
CA GLU A 108 -0.07 -16.35 -2.62
C GLU A 108 1.37 -16.42 -3.13
N PRO A 109 1.71 -17.40 -3.97
CA PRO A 109 3.10 -17.55 -4.42
C PRO A 109 3.73 -16.21 -4.79
N ILE A 110 4.94 -15.93 -4.32
CA ILE A 110 5.61 -14.67 -4.65
C ILE A 110 5.47 -14.40 -6.16
N ASP A 111 5.14 -13.16 -6.49
CA ASP A 111 4.86 -12.76 -7.86
C ASP A 111 6.11 -12.85 -8.71
N ILE A 112 6.04 -13.60 -9.80
CA ILE A 112 7.18 -13.78 -10.71
C ILE A 112 7.15 -12.69 -11.81
N THR A 113 6.52 -11.57 -11.48
CA THR A 113 6.50 -10.37 -12.32
C THR A 113 7.28 -9.23 -11.64
N THR A 114 7.42 -9.29 -10.31
CA THR A 114 8.18 -8.28 -9.56
C THR A 114 9.68 -8.52 -9.75
N SER A 115 10.49 -7.62 -9.22
CA SER A 115 11.97 -7.73 -9.33
C SER A 115 12.51 -8.68 -8.27
N ALA A 116 13.55 -9.43 -8.65
CA ALA A 116 14.26 -10.29 -7.71
C ALA A 116 15.05 -9.41 -6.75
N GLY A 117 15.55 -8.28 -7.25
CA GLY A 117 16.35 -7.36 -6.45
C GLY A 117 17.82 -7.73 -6.46
N PHE A 118 18.59 -7.10 -5.57
CA PHE A 118 20.03 -7.31 -5.50
C PHE A 118 20.34 -8.74 -5.05
N PRO A 119 21.38 -9.39 -5.58
CA PRO A 119 22.23 -8.89 -6.67
C PRO A 119 21.71 -9.29 -8.05
N TYR A 120 20.65 -10.08 -8.07
CA TYR A 120 20.07 -10.66 -9.29
C TYR A 120 19.84 -9.70 -10.44
N VAL A 121 19.38 -8.49 -10.12
CA VAL A 121 19.07 -7.48 -11.13
C VAL A 121 20.29 -7.20 -11.99
N SER A 122 21.44 -7.07 -11.33
CA SER A 122 22.71 -6.76 -12.00
C SER A 122 23.43 -8.00 -12.59
N LEU A 123 22.94 -9.20 -12.30
CA LEU A 123 23.45 -10.41 -12.95
C LEU A 123 22.58 -10.87 -14.12
N GLY A 124 21.62 -10.05 -14.53
CA GLY A 124 20.68 -10.40 -15.59
C GLY A 124 19.72 -11.53 -15.25
N ILE A 125 20.03 -12.28 -14.18
CA ILE A 125 19.26 -13.45 -13.77
C ILE A 125 18.00 -12.99 -13.01
N LYS A 126 16.84 -13.36 -13.53
CA LYS A 126 15.56 -12.88 -12.98
C LYS A 126 14.77 -13.99 -12.25
N LYS A 127 13.54 -13.69 -11.87
CA LYS A 127 12.75 -14.55 -10.99
C LYS A 127 12.46 -15.95 -11.58
N ARG A 128 12.24 -16.03 -12.89
CA ARG A 128 11.87 -17.29 -13.54
C ARG A 128 12.94 -18.37 -13.44
N ASP A 129 14.20 -17.94 -13.45
CA ASP A 129 15.33 -18.87 -13.40
C ASP A 129 15.39 -19.63 -12.08
N ILE A 130 14.97 -18.99 -11.00
CA ILE A 130 14.96 -19.61 -9.68
C ILE A 130 13.64 -20.32 -9.43
N LEU A 131 12.57 -19.77 -10.02
CA LEU A 131 11.21 -20.18 -9.70
C LEU A 131 10.61 -21.01 -10.81
N ASN A 132 10.40 -22.29 -10.51
CA ASN A 132 9.61 -23.16 -11.35
C ASN A 132 8.29 -23.39 -10.62
N LYS A 133 7.21 -22.84 -11.17
CA LYS A 133 5.88 -22.92 -10.54
C LYS A 133 5.28 -24.34 -10.57
N GLU A 134 5.39 -25.01 -11.73
CA GLU A 134 4.84 -26.36 -11.90
C GLU A 134 5.57 -27.40 -11.04
N THR A 135 6.89 -27.24 -10.94
CA THR A 135 7.74 -28.16 -10.18
C THR A 135 7.63 -27.91 -8.67
N GLN A 136 7.47 -26.65 -8.30
CA GLN A 136 7.58 -26.20 -6.90
C GLN A 136 8.98 -26.50 -6.35
N ASP A 137 10.00 -26.08 -7.10
CA ASP A 137 11.40 -26.40 -6.82
C ASP A 137 12.00 -25.53 -5.71
N THR A 138 12.86 -26.13 -4.89
CA THR A 138 13.52 -25.43 -3.79
C THR A 138 15.05 -25.55 -3.83
N GLU A 139 15.60 -26.08 -4.92
CA GLU A 139 17.04 -26.25 -5.06
C GLU A 139 17.73 -24.96 -5.49
N LYS A 140 17.12 -24.28 -6.47
CA LYS A 140 17.65 -23.03 -6.99
C LYS A 140 17.62 -21.93 -5.93
N MET A 141 16.54 -21.87 -5.16
CA MET A 141 16.45 -20.90 -4.07
C MET A 141 17.50 -21.22 -3.00
N LYS A 142 17.39 -22.39 -2.38
CA LYS A 142 18.32 -22.81 -1.32
C LYS A 142 19.78 -22.61 -1.73
N PHE A 143 20.09 -22.81 -3.00
CA PHE A 143 21.43 -22.56 -3.51
C PHE A 143 21.77 -21.08 -3.36
N TYR A 144 21.05 -20.22 -4.08
CA TYR A 144 21.28 -18.76 -4.04
C TYR A 144 21.05 -18.12 -2.66
N LEU A 145 20.46 -18.85 -1.71
CA LEU A 145 20.30 -18.40 -0.32
C LEU A 145 21.60 -18.61 0.46
N ASP A 146 22.16 -19.80 0.31
CA ASP A 146 23.46 -20.16 0.88
C ASP A 146 24.58 -19.31 0.30
N LYS A 147 24.47 -18.99 -0.99
CA LYS A 147 25.50 -18.22 -1.69
C LYS A 147 25.56 -16.78 -1.19
N TYR A 148 24.47 -16.04 -1.40
CA TYR A 148 24.43 -14.59 -1.16
C TYR A 148 23.94 -14.17 0.23
N GLY A 149 23.26 -15.07 0.94
CA GLY A 149 22.80 -14.80 2.29
C GLY A 149 21.57 -13.90 2.37
N ILE A 150 21.37 -13.31 3.56
CA ILE A 150 20.23 -12.43 3.82
C ILE A 150 20.68 -11.08 4.40
N ASP A 151 19.76 -10.14 4.44
CA ASP A 151 19.98 -8.75 4.87
C ASP A 151 20.61 -7.91 3.75
N LEU A 152 20.34 -8.30 2.52
CA LEU A 152 20.87 -7.62 1.33
C LEU A 152 20.26 -6.22 1.16
N PRO A 153 20.94 -5.35 0.43
CA PRO A 153 20.41 -4.00 0.15
C PRO A 153 19.20 -4.00 -0.79
N LEU A 154 18.65 -2.80 -1.00
CA LEU A 154 17.39 -2.60 -1.71
C LEU A 154 17.61 -1.84 -3.02
N VAL A 155 17.11 -2.38 -4.13
CA VAL A 155 17.21 -1.69 -5.42
C VAL A 155 16.09 -0.69 -5.52
N THR A 156 16.44 0.58 -5.71
CA THR A 156 15.46 1.66 -5.68
C THR A 156 15.13 2.15 -7.10
N TYR A 157 14.09 1.55 -7.69
CA TYR A 157 13.50 2.04 -8.93
C TYR A 157 12.72 3.31 -8.63
N ILE A 158 12.40 4.08 -9.65
CA ILE A 158 11.44 5.18 -9.51
C ILE A 158 10.14 4.78 -10.24
N LYS A 159 9.02 4.86 -9.52
CA LYS A 159 7.72 4.28 -9.95
C LYS A 159 7.09 5.02 -11.14
N ASP A 160 6.74 4.26 -12.18
CA ASP A 160 6.11 4.79 -13.40
C ASP A 160 4.59 4.73 -13.33
N GLU A 161 3.97 5.90 -13.21
CA GLU A 161 2.53 6.02 -12.93
C GLU A 161 2.02 7.43 -13.14
N LEU A 162 0.71 7.60 -13.22
CA LEU A 162 0.10 8.92 -13.39
C LEU A 162 0.29 9.74 -12.13
N ARG A 163 0.61 11.01 -12.31
CA ARG A 163 0.73 11.97 -11.21
C ARG A 163 0.06 13.29 -11.54
N SER A 164 -0.45 13.95 -10.50
CA SER A 164 -1.10 15.25 -10.65
C SER A 164 -0.07 16.28 -11.12
N VAL A 165 -0.53 17.29 -11.86
CA VAL A 165 0.36 18.31 -12.45
C VAL A 165 1.45 18.80 -11.50
N ASP A 166 1.10 19.02 -10.24
CA ASP A 166 2.02 19.50 -9.21
C ASP A 166 3.16 18.51 -8.93
N LYS A 167 2.80 17.26 -8.65
CA LYS A 167 3.78 16.22 -8.38
C LYS A 167 4.61 15.81 -9.61
N VAL A 168 4.26 16.34 -10.78
CA VAL A 168 5.03 16.13 -11.99
C VAL A 168 6.18 17.12 -12.04
N ARG A 169 5.84 18.40 -11.93
CA ARG A 169 6.82 19.49 -11.99
C ARG A 169 7.74 19.49 -10.79
N LEU A 170 7.17 19.40 -9.58
CA LEU A 170 7.95 19.37 -8.35
C LEU A 170 8.77 18.08 -8.17
N GLY A 171 8.81 17.21 -9.18
CA GLY A 171 9.67 16.04 -9.20
C GLY A 171 9.34 15.00 -8.15
N LYS A 172 8.09 14.99 -7.70
CA LYS A 172 7.67 14.16 -6.57
C LYS A 172 7.53 12.66 -6.90
N SER A 173 7.55 12.31 -8.18
CA SER A 173 7.52 10.91 -8.62
C SER A 173 8.17 9.99 -7.60
N ARG A 174 7.38 9.09 -7.00
CA ARG A 174 7.86 8.31 -5.87
C ARG A 174 8.57 7.04 -6.30
N LEU A 175 9.18 6.38 -5.31
CA LEU A 175 10.11 5.28 -5.51
C LEU A 175 9.53 3.97 -5.04
N ILE A 176 9.84 2.89 -5.75
CA ILE A 176 9.69 1.55 -5.19
C ILE A 176 11.09 1.09 -4.77
N GLU A 177 11.22 0.75 -3.49
CA GLU A 177 12.49 0.35 -2.91
C GLU A 177 12.36 -1.17 -2.75
N ALA A 178 12.72 -1.88 -3.81
CA ALA A 178 12.41 -3.29 -4.00
C ALA A 178 13.39 -4.23 -3.33
N SER A 179 12.85 -5.27 -2.71
CA SER A 179 13.60 -6.14 -1.82
C SER A 179 14.23 -7.31 -2.55
N SER A 180 15.40 -7.75 -2.08
CA SER A 180 16.03 -8.93 -2.66
C SER A 180 15.13 -10.13 -2.42
N LEU A 181 15.14 -11.05 -3.38
CA LEU A 181 14.31 -12.23 -3.29
C LEU A 181 14.71 -13.00 -2.04
N ASN A 182 16.01 -13.05 -1.79
CA ASN A 182 16.52 -13.68 -0.58
C ASN A 182 15.80 -13.19 0.67
N ASP A 183 15.72 -11.87 0.81
CA ASP A 183 15.12 -11.26 1.99
C ASP A 183 13.60 -11.42 2.04
N SER A 184 12.95 -11.35 0.88
CA SER A 184 11.50 -11.47 0.83
C SER A 184 11.07 -12.90 1.12
N VAL A 185 11.84 -13.91 0.70
CA VAL A 185 11.51 -15.30 1.07
C VAL A 185 11.87 -15.53 2.53
N ASN A 186 12.94 -14.90 2.99
CA ASN A 186 13.46 -15.15 4.34
C ASN A 186 12.39 -14.88 5.39
N MET A 187 11.80 -13.69 5.35
CA MET A 187 10.85 -13.29 6.40
C MET A 187 9.41 -13.62 6.04
N ARG A 188 9.21 -13.94 4.76
CA ARG A 188 8.01 -14.61 4.29
C ARG A 188 7.98 -16.05 4.78
N MET A 189 9.12 -16.50 5.31
CA MET A 189 9.33 -17.86 5.77
C MET A 189 9.17 -17.96 7.27
N LYS A 190 9.11 -16.83 7.97
CA LYS A 190 9.02 -16.81 9.43
C LYS A 190 7.99 -15.83 10.02
N LEU A 191 7.43 -14.97 9.17
CA LEU A 191 6.24 -14.19 9.49
C LEU A 191 5.16 -14.56 8.49
N GLY A 192 5.30 -15.73 7.89
CA GLY A 192 4.35 -16.20 6.90
C GLY A 192 2.99 -16.45 7.51
N ASN A 193 2.94 -16.87 8.77
CA ASN A 193 1.67 -17.11 9.45
C ASN A 193 1.07 -15.82 9.98
N LEU A 194 1.92 -14.81 10.21
CA LEU A 194 1.46 -13.47 10.54
C LEU A 194 0.71 -12.86 9.34
N TYR A 195 1.23 -13.06 8.14
CA TYR A 195 0.56 -12.57 6.94
C TYR A 195 -0.71 -13.38 6.67
N LYS A 196 -0.63 -14.69 6.91
CA LYS A 196 -1.73 -15.63 6.67
C LYS A 196 -2.94 -15.18 7.47
N ALA A 197 -2.71 -14.81 8.72
CA ALA A 197 -3.78 -14.42 9.64
C ALA A 197 -4.44 -13.13 9.20
N PHE A 198 -3.65 -12.17 8.75
CA PHE A 198 -4.18 -10.87 8.33
C PHE A 198 -4.99 -10.96 7.05
N HIS A 199 -4.61 -11.90 6.20
CA HIS A 199 -5.29 -12.10 4.91
C HIS A 199 -6.63 -12.81 5.09
N GLN A 200 -6.73 -13.66 6.10
CA GLN A 200 -7.95 -14.41 6.38
C GLN A 200 -8.88 -13.67 7.35
N ASN A 201 -8.36 -12.63 8.00
CA ASN A 201 -9.11 -11.91 9.02
C ASN A 201 -9.11 -10.40 8.80
N PRO A 202 -9.58 -9.95 7.63
CA PRO A 202 -9.71 -8.51 7.41
C PRO A 202 -10.82 -8.01 8.31
N GLY A 203 -10.47 -7.21 9.30
CA GLY A 203 -11.50 -6.64 10.13
C GLY A 203 -11.03 -5.80 11.28
N VAL A 204 -11.90 -5.74 12.28
CA VAL A 204 -11.79 -4.81 13.38
C VAL A 204 -10.92 -5.42 14.49
N LEU A 205 -10.52 -6.68 14.31
CA LEU A 205 -9.66 -7.36 15.27
C LEU A 205 -8.19 -7.21 14.89
N THR A 206 -7.88 -7.52 13.63
CA THR A 206 -6.57 -7.23 13.04
C THR A 206 -6.37 -5.74 12.83
N GLY A 207 -7.46 -4.98 12.86
CA GLY A 207 -7.45 -3.58 12.49
C GLY A 207 -6.98 -3.40 11.06
N SER A 208 -7.35 -4.35 10.19
CA SER A 208 -6.81 -4.44 8.83
C SER A 208 -7.83 -4.76 7.74
N ALA A 209 -7.57 -4.22 6.55
CA ALA A 209 -8.36 -4.52 5.36
C ALA A 209 -7.49 -5.12 4.26
N VAL A 210 -6.17 -5.11 4.43
CA VAL A 210 -5.25 -5.69 3.44
C VAL A 210 -5.73 -7.02 2.91
N GLY A 211 -5.90 -7.10 1.60
CA GLY A 211 -6.35 -8.31 0.95
C GLY A 211 -7.84 -8.52 1.18
N CYS A 212 -8.64 -7.71 0.49
CA CYS A 212 -10.09 -7.82 0.58
C CYS A 212 -10.79 -7.31 -0.67
N ASP A 213 -11.79 -8.05 -1.13
CA ASP A 213 -12.62 -7.63 -2.25
C ASP A 213 -13.53 -6.52 -1.74
N PRO A 214 -13.35 -5.28 -2.20
CA PRO A 214 -14.21 -4.21 -1.69
C PRO A 214 -15.66 -4.44 -2.12
N ASP A 215 -15.86 -5.02 -3.31
CA ASP A 215 -17.17 -5.51 -3.73
C ASP A 215 -18.01 -6.01 -2.54
N VAL A 216 -17.49 -6.99 -1.80
CA VAL A 216 -18.24 -7.55 -0.67
C VAL A 216 -17.94 -6.89 0.68
N PHE A 217 -16.67 -6.60 0.96
CA PHE A 217 -16.24 -6.15 2.27
C PHE A 217 -16.81 -4.78 2.65
N TRP A 218 -17.09 -3.96 1.65
CA TRP A 218 -17.73 -2.68 1.86
C TRP A 218 -19.02 -2.84 2.63
N SER A 219 -19.81 -3.83 2.23
CA SER A 219 -21.10 -4.13 2.85
C SER A 219 -20.95 -4.90 4.18
N VAL A 220 -20.09 -4.44 5.05
CA VAL A 220 -19.81 -5.13 6.32
C VAL A 220 -18.94 -4.24 7.20
N ILE A 221 -18.18 -3.34 6.57
CA ILE A 221 -17.51 -2.29 7.32
C ILE A 221 -18.51 -1.53 8.18
N PRO A 222 -19.66 -1.10 7.64
CA PRO A 222 -20.66 -0.39 8.45
C PRO A 222 -21.29 -1.19 9.59
N CYS A 223 -21.28 -2.53 9.52
CA CYS A 223 -21.70 -3.35 10.67
C CYS A 223 -20.65 -3.36 11.78
N LEU A 224 -19.39 -3.24 11.37
CA LEU A 224 -18.23 -3.33 12.27
C LEU A 224 -17.91 -2.01 12.95
N MET A 225 -17.99 -0.92 12.19
CA MET A 225 -17.71 0.43 12.70
C MET A 225 -19.00 1.06 13.28
N ASP A 226 -19.59 0.42 14.29
CA ASP A 226 -20.83 0.92 14.85
C ASP A 226 -20.45 1.88 15.97
N GLY A 227 -20.42 3.17 15.65
CA GLY A 227 -20.08 4.22 16.59
C GLY A 227 -20.09 5.55 15.85
N HIS A 228 -19.40 6.56 16.36
CA HIS A 228 -19.17 7.81 15.60
C HIS A 228 -18.15 7.52 14.46
N LEU A 229 -17.48 8.52 13.90
CA LEU A 229 -16.69 8.23 12.70
C LEU A 229 -15.56 9.22 12.48
N MET A 230 -14.43 8.69 12.05
CA MET A 230 -13.28 9.49 11.66
C MET A 230 -12.57 8.77 10.55
N ALA A 231 -11.94 9.53 9.68
CA ALA A 231 -11.09 8.91 8.68
C ALA A 231 -9.89 9.77 8.42
N PHE A 232 -8.81 9.10 8.04
CA PHE A 232 -7.54 9.77 7.84
C PHE A 232 -6.81 9.20 6.63
N ASP A 233 -5.75 9.91 6.27
CA ASP A 233 -4.83 9.54 5.22
C ASP A 233 -3.58 10.38 5.51
N TYR A 234 -2.39 9.89 5.19
CA TYR A 234 -1.18 10.70 5.42
C TYR A 234 -0.54 11.07 4.10
N SER A 235 0.28 12.11 4.11
CA SER A 235 1.21 12.37 3.02
C SER A 235 2.60 11.85 3.43
N ASN A 236 3.22 11.09 2.53
CA ASN A 236 4.47 10.34 2.80
C ASN A 236 4.45 9.61 4.14
N PHE A 237 3.52 8.66 4.26
CA PHE A 237 3.40 7.82 5.44
C PHE A 237 4.69 7.05 5.63
N ASP A 238 5.05 6.25 4.62
CA ASP A 238 6.19 5.34 4.67
C ASP A 238 7.48 6.06 5.12
N ALA A 239 7.86 7.13 4.43
CA ALA A 239 9.07 7.88 4.74
C ALA A 239 9.09 8.51 6.13
N SER A 240 7.92 8.84 6.65
CA SER A 240 7.78 9.59 7.91
C SER A 240 7.90 8.73 9.17
N LEU A 241 8.01 7.43 9.01
CA LEU A 241 7.96 6.52 10.16
C LEU A 241 9.27 6.50 10.95
N SER A 242 9.38 7.39 11.93
CA SER A 242 10.54 7.40 12.81
C SER A 242 10.74 6.04 13.47
N PRO A 243 11.99 5.63 13.72
CA PRO A 243 12.28 4.28 14.23
C PRO A 243 11.41 3.79 15.39
N VAL A 244 10.97 4.68 16.27
CA VAL A 244 10.14 4.29 17.43
C VAL A 244 8.98 3.37 17.08
N TRP A 245 8.30 3.70 15.99
CA TRP A 245 7.14 2.93 15.56
C TRP A 245 7.55 1.51 15.20
N PHE A 246 8.77 1.37 14.67
CA PHE A 246 9.34 0.05 14.36
C PHE A 246 9.69 -0.75 15.61
N VAL A 247 10.12 -0.06 16.66
CA VAL A 247 10.43 -0.71 17.91
C VAL A 247 9.15 -1.20 18.56
N CYS A 248 8.03 -0.55 18.23
CA CYS A 248 6.73 -1.00 18.68
C CYS A 248 6.25 -2.17 17.84
N LEU A 249 6.48 -2.10 16.53
CA LEU A 249 5.99 -3.15 15.65
C LEU A 249 6.62 -4.46 16.06
N GLU A 250 7.91 -4.40 16.35
CA GLU A 250 8.69 -5.52 16.84
C GLU A 250 8.15 -6.00 18.17
N LYS A 251 8.03 -5.06 19.11
CA LYS A 251 7.49 -5.37 20.43
C LYS A 251 6.13 -6.10 20.35
N VAL A 252 5.35 -5.84 19.31
CA VAL A 252 4.04 -6.47 19.14
C VAL A 252 4.22 -7.92 18.71
N LEU A 253 5.03 -8.12 17.66
CA LEU A 253 5.33 -9.45 17.12
C LEU A 253 6.01 -10.34 18.16
N THR A 254 6.85 -9.73 19.00
CA THR A 254 7.48 -10.41 20.12
C THR A 254 6.44 -10.96 21.11
N LYS A 255 5.45 -10.15 21.49
CA LYS A 255 4.37 -10.57 22.40
C LYS A 255 3.48 -11.62 21.74
N LEU A 256 3.40 -11.58 20.41
CA LEU A 256 2.60 -12.53 19.66
C LEU A 256 3.23 -13.93 19.67
N GLY A 257 4.55 -13.98 19.85
CA GLY A 257 5.29 -15.22 19.95
C GLY A 257 6.11 -15.57 18.71
N PHE A 258 6.37 -14.58 17.87
CA PHE A 258 7.21 -14.75 16.68
C PHE A 258 8.66 -14.38 17.00
N ALA A 259 9.48 -15.38 17.31
CA ALA A 259 10.93 -15.20 17.22
C ALA A 259 11.19 -14.96 15.73
N GLY A 260 11.76 -13.81 15.42
CA GLY A 260 11.76 -13.30 14.05
C GLY A 260 11.39 -11.83 14.00
N SER A 261 10.73 -11.34 15.04
CA SER A 261 10.46 -9.91 15.18
C SER A 261 11.75 -9.09 15.09
N SER A 262 12.90 -9.74 15.28
CA SER A 262 14.21 -9.11 15.04
C SER A 262 14.37 -8.59 13.60
N LEU A 263 13.73 -9.26 12.64
CA LEU A 263 13.72 -8.82 11.23
C LEU A 263 13.28 -7.36 11.07
N ILE A 264 12.37 -6.92 11.94
CA ILE A 264 11.80 -5.57 11.90
C ILE A 264 12.87 -4.47 11.98
N GLN A 265 13.92 -4.69 12.79
CA GLN A 265 15.06 -3.77 12.83
C GLN A 265 15.77 -3.70 11.47
N SER A 266 15.82 -4.84 10.79
CA SER A 266 16.46 -4.97 9.49
C SER A 266 15.77 -4.19 8.35
N ILE A 267 14.51 -3.77 8.56
CA ILE A 267 13.80 -2.92 7.58
C ILE A 267 13.78 -1.45 8.01
N CYS A 268 13.95 -1.21 9.31
CA CYS A 268 14.02 0.15 9.83
C CYS A 268 15.21 0.85 9.21
N ASN A 269 16.43 0.44 9.60
CA ASN A 269 17.66 0.92 8.98
C ASN A 269 18.00 0.03 7.79
N THR A 270 18.16 0.65 6.62
CA THR A 270 18.35 -0.07 5.37
C THR A 270 19.31 0.65 4.42
N HIS A 271 19.91 -0.11 3.49
CA HIS A 271 20.69 0.46 2.39
C HIS A 271 19.89 0.38 1.10
N HIS A 272 19.97 1.43 0.29
CA HIS A 272 19.23 1.55 -0.96
C HIS A 272 20.17 1.88 -2.12
N ILE A 273 19.95 1.29 -3.29
CA ILE A 273 20.83 1.47 -4.43
C ILE A 273 20.12 2.28 -5.53
N PHE A 274 20.23 3.60 -5.47
CA PHE A 274 19.54 4.44 -6.46
C PHE A 274 20.46 4.93 -7.57
N ARG A 275 20.26 4.38 -8.76
CA ARG A 275 21.15 4.55 -9.90
C ARG A 275 22.50 3.89 -9.53
N ASP A 276 23.41 4.67 -8.96
CA ASP A 276 24.69 4.16 -8.48
C ASP A 276 24.77 4.53 -6.99
N GLU A 277 25.08 5.80 -6.74
CA GLU A 277 24.87 6.42 -5.44
C GLU A 277 24.00 5.55 -4.50
N ILE A 278 24.62 4.80 -3.59
CA ILE A 278 23.86 4.01 -2.60
C ILE A 278 23.64 4.78 -1.28
N TYR A 279 22.37 5.04 -0.98
CA TYR A 279 21.91 5.79 0.20
C TYR A 279 21.78 4.82 1.36
N VAL A 280 21.82 5.34 2.59
CA VAL A 280 21.47 4.53 3.76
C VAL A 280 20.56 5.37 4.64
N VAL A 281 19.42 4.81 5.01
CA VAL A 281 18.40 5.55 5.76
C VAL A 281 18.16 4.98 7.15
N GLU A 282 17.80 5.88 8.07
CA GLU A 282 17.41 5.52 9.42
C GLU A 282 15.91 5.79 9.55
N GLY A 283 15.14 4.72 9.68
CA GLY A 283 13.69 4.81 9.71
C GLY A 283 13.10 4.63 8.33
N GLY A 284 11.85 5.01 8.17
CA GLY A 284 11.16 4.91 6.89
C GLY A 284 10.86 3.48 6.45
N MET A 285 9.62 3.23 6.05
CA MET A 285 9.19 1.93 5.53
C MET A 285 9.58 1.81 4.08
N PRO A 286 10.27 0.73 3.72
CA PRO A 286 10.58 0.49 2.31
C PRO A 286 9.30 0.19 1.53
N SER A 287 8.89 1.13 0.68
CA SER A 287 7.71 0.98 -0.17
C SER A 287 7.89 -0.14 -1.19
N GLY A 288 7.55 -1.37 -0.83
CA GLY A 288 7.77 -2.53 -1.68
C GLY A 288 8.68 -3.61 -1.12
N CYS A 289 8.85 -3.61 0.21
CA CYS A 289 9.42 -4.75 0.94
C CYS A 289 8.36 -5.85 0.97
N SER A 290 8.63 -6.95 1.67
CA SER A 290 7.71 -8.10 1.71
C SER A 290 6.33 -7.77 2.32
N GLY A 291 6.28 -7.58 3.64
CA GLY A 291 5.03 -7.31 4.34
C GLY A 291 4.73 -5.83 4.54
N THR A 292 5.14 -4.98 3.61
CA THR A 292 4.92 -3.54 3.71
C THR A 292 3.49 -3.18 4.09
N SER A 293 2.54 -3.70 3.32
CA SER A 293 1.11 -3.39 3.51
C SER A 293 0.65 -3.73 4.92
N ILE A 294 1.01 -4.93 5.36
CA ILE A 294 0.66 -5.44 6.69
C ILE A 294 1.35 -4.70 7.83
N PHE A 295 2.64 -4.40 7.67
CA PHE A 295 3.38 -3.75 8.73
C PHE A 295 2.92 -2.32 8.92
N ASN A 296 2.59 -1.65 7.83
CA ASN A 296 2.06 -0.28 7.86
C ASN A 296 0.79 -0.22 8.68
N SER A 297 -0.16 -1.09 8.33
CA SER A 297 -1.44 -1.21 9.04
C SER A 297 -1.25 -1.41 10.52
N MET A 298 -0.36 -2.33 10.88
CA MET A 298 -0.07 -2.62 12.27
C MET A 298 0.43 -1.39 13.00
N ILE A 299 1.32 -0.66 12.33
CA ILE A 299 1.89 0.57 12.88
C ILE A 299 0.81 1.64 12.98
N ASN A 300 -0.06 1.71 11.98
CA ASN A 300 -1.15 2.68 12.00
C ASN A 300 -2.05 2.42 13.21
N ASN A 301 -2.35 1.16 13.44
CA ASN A 301 -3.07 0.75 14.63
C ASN A 301 -2.34 1.17 15.91
N ILE A 302 -1.02 1.08 15.92
CA ILE A 302 -0.25 1.61 17.05
C ILE A 302 -0.40 3.13 17.13
N ILE A 303 -0.31 3.81 15.99
CA ILE A 303 -0.28 5.27 15.97
C ILE A 303 -1.59 5.89 16.45
N ILE A 304 -2.75 5.59 15.86
CA ILE A 304 -4.00 6.22 16.34
C ILE A 304 -4.34 5.87 17.78
N ARG A 305 -4.02 4.66 18.20
CA ARG A 305 -4.22 4.30 19.59
C ARG A 305 -3.42 5.28 20.44
N THR A 306 -2.20 5.54 20.02
CA THR A 306 -1.29 6.41 20.76
C THR A 306 -1.78 7.85 20.77
N LEU A 307 -2.06 8.40 19.59
CA LEU A 307 -2.53 9.78 19.45
C LEU A 307 -3.81 10.05 20.23
N ILE A 308 -4.71 9.06 20.29
CA ILE A 308 -5.97 9.25 20.96
C ILE A 308 -5.77 9.27 22.48
N LEU A 309 -4.89 8.41 23.00
CA LEU A 309 -4.53 8.44 24.42
C LEU A 309 -3.79 9.73 24.78
N ASP A 310 -2.98 10.19 23.84
CA ASP A 310 -2.21 11.43 23.95
C ASP A 310 -3.16 12.60 24.08
N ALA A 311 -4.24 12.53 23.30
CA ALA A 311 -5.16 13.64 23.12
C ALA A 311 -6.21 13.70 24.22
N TYR A 312 -6.69 12.53 24.63
CA TYR A 312 -7.86 12.43 25.50
C TYR A 312 -7.53 11.63 26.74
N LYS A 313 -8.42 11.69 27.72
CA LYS A 313 -8.13 11.15 29.04
C LYS A 313 -8.91 9.88 29.33
N GLY A 314 -10.22 9.99 29.52
CA GLY A 314 -11.00 8.87 30.00
C GLY A 314 -11.56 7.99 28.90
N ILE A 315 -10.72 7.16 28.30
CA ILE A 315 -11.07 6.43 27.09
C ILE A 315 -10.82 4.92 27.19
N ASP A 316 -11.87 4.14 26.95
CA ASP A 316 -11.79 2.68 26.86
C ASP A 316 -11.38 2.28 25.45
N LEU A 317 -10.22 1.64 25.32
CA LEU A 317 -9.70 1.24 24.01
C LEU A 317 -10.48 0.08 23.37
N ASP A 318 -11.17 -0.72 24.17
CA ASP A 318 -11.94 -1.86 23.67
C ASP A 318 -13.08 -1.41 22.73
N LYS A 319 -13.58 -0.19 22.94
CA LYS A 319 -14.68 0.33 22.10
C LYS A 319 -14.14 1.13 20.91
N LEU A 320 -12.85 1.46 20.94
CA LEU A 320 -12.17 2.06 19.80
C LEU A 320 -11.99 1.00 18.74
N LYS A 321 -12.61 1.21 17.59
CA LYS A 321 -12.55 0.25 16.48
C LYS A 321 -11.82 0.89 15.30
N ILE A 322 -10.86 0.17 14.74
CA ILE A 322 -10.01 0.71 13.68
C ILE A 322 -9.97 -0.21 12.47
N LEU A 323 -9.76 0.39 11.33
CA LEU A 323 -9.63 -0.34 10.08
C LEU A 323 -8.65 0.41 9.21
N ALA A 324 -7.50 -0.19 8.99
CA ALA A 324 -6.43 0.44 8.22
C ALA A 324 -6.04 -0.46 7.08
N TYR A 325 -5.81 0.16 5.92
CA TYR A 325 -5.16 -0.49 4.80
C TYR A 325 -3.96 0.38 4.43
N GLY A 326 -2.86 0.17 5.13
CA GLY A 326 -1.71 1.05 4.99
C GLY A 326 -1.94 2.39 5.67
N ASP A 327 -1.70 3.48 4.94
CA ASP A 327 -1.96 4.82 5.49
C ASP A 327 -3.46 5.13 5.63
N ASP A 328 -4.28 4.52 4.75
CA ASP A 328 -5.74 4.71 4.77
C ASP A 328 -6.36 4.27 6.09
N LEU A 329 -7.17 5.15 6.68
CA LEU A 329 -7.81 4.88 7.96
C LEU A 329 -9.32 5.10 7.95
N ILE A 330 -9.99 4.31 8.78
CA ILE A 330 -11.36 4.54 9.24
C ILE A 330 -11.33 4.19 10.71
N VAL A 331 -11.96 5.01 11.55
CA VAL A 331 -11.99 4.71 12.96
C VAL A 331 -13.32 5.16 13.57
N SER A 332 -13.77 4.45 14.60
CA SER A 332 -15.05 4.73 15.25
C SER A 332 -14.96 4.63 16.77
N TYR A 333 -15.61 5.56 17.46
CA TYR A 333 -15.67 5.57 18.93
C TYR A 333 -17.07 5.97 19.40
N PRO A 334 -17.59 5.39 20.49
CA PRO A 334 -18.93 5.74 20.99
C PRO A 334 -19.23 7.23 21.18
N TYR A 335 -18.20 8.04 21.43
CA TYR A 335 -18.31 9.49 21.62
C TYR A 335 -17.61 10.21 20.46
N GLU A 336 -17.95 11.47 20.21
CA GLU A 336 -17.41 12.23 19.09
C GLU A 336 -16.06 12.86 19.39
N LEU A 337 -14.99 12.21 18.95
CA LEU A 337 -13.62 12.73 19.06
C LEU A 337 -13.29 13.58 17.84
N ASP A 338 -12.32 14.48 17.99
CA ASP A 338 -12.02 15.51 16.98
C ASP A 338 -10.83 15.11 16.12
N PRO A 339 -11.08 14.86 14.83
CA PRO A 339 -10.02 14.47 13.89
C PRO A 339 -8.85 15.45 13.88
N GLN A 340 -9.18 16.73 13.77
CA GLN A 340 -8.18 17.80 13.76
C GLN A 340 -7.27 17.72 14.97
N VAL A 341 -7.83 17.61 16.17
CA VAL A 341 -7.01 17.46 17.36
C VAL A 341 -5.94 16.40 17.09
N LEU A 342 -6.39 15.20 16.74
CA LEU A 342 -5.51 14.05 16.52
C LEU A 342 -4.37 14.35 15.53
N ALA A 343 -4.70 14.95 14.40
CA ALA A 343 -3.73 15.27 13.35
C ALA A 343 -2.58 16.14 13.85
N THR A 344 -2.92 17.19 14.57
CA THR A 344 -1.94 18.06 15.18
C THR A 344 -1.06 17.28 16.15
N LEU A 345 -1.69 16.53 17.03
CA LEU A 345 -1.00 15.79 18.09
C LEU A 345 0.05 14.83 17.51
N GLY A 346 -0.26 14.24 16.36
CA GLY A 346 0.63 13.29 15.71
C GLY A 346 1.80 13.96 15.02
N LYS A 347 1.66 15.26 14.76
CA LYS A 347 2.73 16.05 14.16
C LYS A 347 3.97 16.18 15.04
N ASN A 348 3.92 15.76 16.30
CA ASN A 348 5.14 15.74 17.11
C ASN A 348 5.76 14.34 17.25
N TYR A 349 5.31 13.43 16.39
CA TYR A 349 6.00 12.16 16.12
C TYR A 349 6.56 12.14 14.68
N GLY A 350 6.49 13.29 14.01
CA GLY A 350 6.98 13.43 12.65
C GLY A 350 5.98 13.13 11.55
N LEU A 351 4.71 12.98 11.90
CA LEU A 351 3.69 12.53 10.95
C LEU A 351 2.90 13.70 10.36
N THR A 352 2.49 13.54 9.11
CA THR A 352 1.61 14.50 8.45
C THR A 352 0.32 13.76 8.11
N ILE A 353 -0.50 13.58 9.14
CA ILE A 353 -1.80 12.93 8.99
C ILE A 353 -2.82 13.97 8.51
N THR A 354 -3.79 13.53 7.74
CA THR A 354 -4.58 14.41 6.88
C THR A 354 -6.00 13.84 6.65
N PRO A 355 -6.94 14.65 6.16
CA PRO A 355 -8.29 14.13 5.88
C PRO A 355 -8.27 13.07 4.78
N PRO A 356 -9.22 12.14 4.77
CA PRO A 356 -9.19 11.03 3.82
C PRO A 356 -9.39 11.51 2.39
N ASP A 357 -9.21 10.62 1.42
CA ASP A 357 -9.23 11.02 0.01
C ASP A 357 -10.58 11.64 -0.39
N LYS A 358 -10.52 12.66 -1.25
CA LYS A 358 -11.70 13.47 -1.63
C LYS A 358 -12.32 14.20 -0.43
N SER A 359 -11.49 14.89 0.35
CA SER A 359 -11.98 15.72 1.46
C SER A 359 -11.09 16.96 1.64
N GLU A 360 -11.73 18.13 1.60
CA GLU A 360 -11.04 19.42 1.69
C GLU A 360 -10.47 19.64 3.11
N THR A 361 -11.34 19.64 4.13
CA THR A 361 -10.93 19.82 5.53
C THR A 361 -11.72 18.96 6.51
N PHE A 362 -11.06 18.56 7.58
CA PHE A 362 -11.65 17.78 8.66
C PHE A 362 -13.01 18.31 9.10
N THR A 363 -14.07 17.69 8.63
CA THR A 363 -15.39 17.92 9.19
C THR A 363 -15.77 16.65 9.93
N LYS A 364 -16.93 16.67 10.57
CA LYS A 364 -17.47 15.43 11.10
C LYS A 364 -17.59 14.44 9.95
N MET A 365 -17.15 13.21 10.19
CA MET A 365 -17.19 12.20 9.16
C MET A 365 -18.56 11.54 9.14
N THR A 366 -19.00 11.24 7.93
CA THR A 366 -20.31 10.66 7.70
C THR A 366 -20.16 9.67 6.56
N TRP A 367 -21.00 8.64 6.54
CA TRP A 367 -20.89 7.57 5.54
C TRP A 367 -21.07 8.07 4.12
N GLU A 368 -21.74 9.22 4.00
CA GLU A 368 -21.95 9.90 2.74
C GLU A 368 -20.63 10.47 2.18
N ASN A 369 -19.81 11.02 3.08
CA ASN A 369 -18.51 11.64 2.75
C ASN A 369 -17.31 10.69 2.72
N LEU A 370 -17.31 9.73 3.64
CA LEU A 370 -16.18 8.82 3.86
C LEU A 370 -15.55 8.30 2.57
N THR A 371 -14.25 8.05 2.64
CA THR A 371 -13.52 7.31 1.61
C THR A 371 -12.63 6.27 2.27
N PHE A 372 -12.50 5.13 1.61
CA PHE A 372 -11.56 4.10 2.02
C PHE A 372 -11.08 3.40 0.75
N LEU A 373 -9.76 3.21 0.65
CA LEU A 373 -9.14 2.73 -0.57
C LEU A 373 -9.64 3.52 -1.75
N LYS A 374 -9.78 4.83 -1.55
CA LYS A 374 -10.06 5.73 -2.65
C LYS A 374 -11.51 5.64 -3.14
N ARG A 375 -12.35 4.92 -2.39
CA ARG A 375 -13.74 4.65 -2.77
C ARG A 375 -14.75 5.17 -1.76
N TYR A 376 -15.88 5.66 -2.28
CA TYR A 376 -17.02 6.08 -1.47
C TYR A 376 -17.86 4.88 -1.01
N PHE A 377 -18.80 5.15 -0.12
CA PHE A 377 -19.76 4.14 0.34
C PHE A 377 -21.15 4.60 -0.07
N LYS A 378 -21.76 3.86 -0.98
CA LYS A 378 -23.08 4.19 -1.48
C LYS A 378 -23.97 2.96 -1.34
N PRO A 379 -24.88 2.97 -0.39
CA PRO A 379 -25.75 1.81 -0.15
C PRO A 379 -26.74 1.59 -1.29
N ASP A 380 -27.01 0.33 -1.62
CA ASP A 380 -27.85 -0.06 -2.76
C ASP A 380 -29.28 0.44 -2.60
N GLN A 381 -29.96 0.67 -3.72
CA GLN A 381 -31.31 1.21 -3.70
C GLN A 381 -32.35 0.17 -3.29
N GLN A 382 -32.33 -0.98 -3.96
CA GLN A 382 -33.27 -2.06 -3.71
C GLN A 382 -33.05 -2.69 -2.35
N PHE A 383 -31.82 -3.12 -2.10
CA PHE A 383 -31.43 -3.75 -0.85
C PHE A 383 -30.43 -2.84 -0.14
N PRO A 384 -30.90 -1.89 0.67
CA PRO A 384 -30.00 -0.88 1.28
C PRO A 384 -28.87 -1.40 2.22
N PHE A 385 -28.90 -2.70 2.51
CA PHE A 385 -28.00 -3.36 3.48
C PHE A 385 -26.72 -3.83 2.78
N LEU A 386 -26.79 -3.92 1.46
CA LEU A 386 -25.63 -4.13 0.60
C LEU A 386 -25.08 -2.76 0.23
N VAL A 387 -23.74 -2.64 0.24
CA VAL A 387 -23.04 -1.38 0.04
C VAL A 387 -22.09 -1.42 -1.15
N HIS A 388 -22.23 -0.45 -2.05
CA HIS A 388 -21.39 -0.32 -3.23
C HIS A 388 -20.09 0.40 -2.91
N PRO A 389 -18.96 -0.12 -3.38
CA PRO A 389 -17.74 0.69 -3.48
C PRO A 389 -17.76 1.57 -4.73
N VAL A 390 -17.82 2.89 -4.54
CA VAL A 390 -17.85 3.82 -5.66
C VAL A 390 -16.51 4.53 -5.85
N MET A 391 -15.66 3.96 -6.67
CA MET A 391 -14.48 4.63 -7.16
C MET A 391 -14.98 5.79 -8.00
N PRO A 392 -14.58 7.01 -7.67
CA PRO A 392 -15.10 8.18 -8.37
C PRO A 392 -14.87 8.08 -9.88
N MET A 393 -15.76 8.68 -10.65
CA MET A 393 -15.67 8.57 -12.09
C MET A 393 -14.50 9.38 -12.64
N LYS A 394 -14.03 10.37 -11.88
CA LYS A 394 -12.85 11.15 -12.28
C LYS A 394 -11.64 10.24 -12.32
N ASP A 395 -11.45 9.45 -11.26
CA ASP A 395 -10.29 8.57 -11.16
C ASP A 395 -10.32 7.55 -12.30
N ILE A 396 -11.50 7.08 -12.67
CA ILE A 396 -11.67 6.11 -13.75
C ILE A 396 -11.41 6.74 -15.12
N HIS A 397 -11.86 7.99 -15.28
CA HIS A 397 -11.61 8.76 -16.49
C HIS A 397 -10.11 9.01 -16.62
N GLU A 398 -9.46 9.32 -15.50
CA GLU A 398 -8.05 9.70 -15.52
C GLU A 398 -7.19 8.50 -15.85
N SER A 399 -7.70 7.30 -15.57
CA SER A 399 -6.97 6.07 -15.87
C SER A 399 -7.15 5.60 -17.31
N ILE A 400 -8.32 5.82 -17.90
CA ILE A 400 -8.62 5.29 -19.23
C ILE A 400 -7.90 6.06 -20.34
N ARG A 401 -7.46 7.28 -20.03
CA ARG A 401 -6.86 8.17 -21.02
C ARG A 401 -5.40 7.87 -21.34
N TRP A 402 -4.83 6.87 -20.66
CA TRP A 402 -3.45 6.42 -20.89
C TRP A 402 -3.39 4.91 -21.00
N THR A 403 -2.26 4.42 -21.50
CA THR A 403 -2.09 2.99 -21.78
C THR A 403 -0.62 2.61 -21.94
N LYS A 404 -0.25 1.45 -21.42
CA LYS A 404 1.12 0.94 -21.53
C LYS A 404 1.34 0.25 -22.89
N ASP A 405 0.58 -0.82 -23.13
CA ASP A 405 0.55 -1.48 -24.45
C ASP A 405 -0.91 -1.62 -24.89
N PRO A 406 -1.32 -0.89 -25.94
CA PRO A 406 -2.72 -0.91 -26.39
C PRO A 406 -3.25 -2.22 -27.02
N LYS A 407 -2.65 -3.36 -26.69
CA LYS A 407 -3.29 -4.66 -26.95
C LYS A 407 -4.30 -4.98 -25.85
N ASN A 408 -3.85 -4.88 -24.60
CA ASN A 408 -4.70 -5.07 -23.43
C ASN A 408 -5.50 -3.81 -23.09
N THR A 409 -5.75 -2.97 -24.10
CA THR A 409 -6.72 -1.90 -23.99
C THR A 409 -8.14 -2.43 -23.76
N GLN A 410 -8.36 -3.73 -24.00
CA GLN A 410 -9.61 -4.33 -23.57
C GLN A 410 -9.56 -4.65 -22.08
N ASP A 411 -8.66 -5.55 -21.71
CA ASP A 411 -8.52 -5.98 -20.31
C ASP A 411 -8.56 -4.83 -19.32
N HIS A 412 -7.96 -3.72 -19.70
CA HIS A 412 -7.91 -2.52 -18.87
C HIS A 412 -9.28 -1.83 -18.81
N VAL A 413 -9.91 -1.66 -19.97
CA VAL A 413 -11.25 -1.05 -20.04
C VAL A 413 -12.33 -1.90 -19.35
N ARG A 414 -12.25 -3.22 -19.49
CA ARG A 414 -13.20 -4.10 -18.81
C ARG A 414 -13.04 -3.93 -17.32
N SER A 415 -11.80 -3.93 -16.88
CA SER A 415 -11.49 -3.81 -15.47
C SER A 415 -12.07 -2.52 -14.88
N LEU A 416 -12.11 -1.48 -15.70
CA LEU A 416 -12.66 -0.18 -15.31
C LEU A 416 -14.20 -0.18 -15.26
N CYS A 417 -14.83 -1.07 -16.03
CA CYS A 417 -16.29 -1.26 -15.97
C CYS A 417 -16.74 -1.84 -14.63
N MET A 418 -15.94 -2.75 -14.08
CA MET A 418 -16.28 -3.42 -12.81
C MET A 418 -16.27 -2.42 -11.66
N LEU A 419 -15.62 -1.30 -11.88
CA LEU A 419 -15.56 -0.22 -10.92
C LEU A 419 -16.58 0.86 -11.26
N ALA A 420 -16.73 1.14 -12.55
CA ALA A 420 -17.55 2.26 -13.00
C ALA A 420 -19.01 2.05 -12.66
N TRP A 421 -19.50 0.84 -12.91
CA TRP A 421 -20.94 0.54 -12.83
C TRP A 421 -21.54 0.79 -11.45
N HIS A 422 -20.71 0.71 -10.41
CA HIS A 422 -21.16 1.01 -9.05
C HIS A 422 -21.66 2.43 -8.90
N SER A 423 -21.31 3.30 -9.86
CA SER A 423 -21.74 4.69 -9.86
C SER A 423 -23.23 4.81 -10.22
N GLY A 424 -23.74 3.79 -10.91
CA GLY A 424 -25.15 3.70 -11.20
C GLY A 424 -25.39 3.56 -12.69
N GLU A 425 -26.55 3.01 -13.04
CA GLU A 425 -26.94 2.77 -14.43
C GLU A 425 -26.71 3.99 -15.32
N LYS A 426 -27.28 5.14 -14.94
CA LYS A 426 -27.18 6.37 -15.72
C LYS A 426 -25.76 6.69 -16.17
N GLU A 427 -24.83 6.71 -15.20
CA GLU A 427 -23.44 7.05 -15.48
C GLU A 427 -22.71 5.96 -16.25
N TYR A 428 -22.96 4.69 -15.94
CA TYR A 428 -22.28 3.58 -16.62
C TYR A 428 -22.60 3.52 -18.11
N ASN A 429 -23.83 3.85 -18.48
CA ASN A 429 -24.23 3.85 -19.87
C ASN A 429 -23.63 5.05 -20.62
N GLU A 430 -23.53 6.20 -19.96
CA GLU A 430 -22.83 7.36 -20.51
C GLU A 430 -21.36 7.02 -20.73
N PHE A 431 -20.80 6.21 -19.84
CA PHE A 431 -19.39 5.84 -19.86
C PHE A 431 -19.08 4.93 -21.05
N ILE A 432 -19.74 3.78 -21.14
CA ILE A 432 -19.50 2.89 -22.27
C ILE A 432 -19.97 3.49 -23.60
N GLN A 433 -20.97 4.35 -23.56
CA GLN A 433 -21.41 5.06 -24.77
C GLN A 433 -20.29 5.98 -25.30
N LYS A 434 -19.62 6.68 -24.39
CA LYS A 434 -18.53 7.58 -24.74
C LYS A 434 -17.31 6.80 -25.18
N ILE A 435 -17.05 5.67 -24.52
CA ILE A 435 -15.99 4.77 -24.93
C ILE A 435 -16.23 4.35 -26.37
N ARG A 436 -17.50 4.09 -26.70
CA ARG A 436 -17.86 3.51 -27.99
C ARG A 436 -17.97 4.56 -29.11
N THR A 437 -17.66 5.82 -28.79
CA THR A 437 -17.45 6.88 -29.78
C THR A 437 -16.24 6.54 -30.63
N THR A 438 -15.17 6.12 -29.96
CA THR A 438 -13.92 5.78 -30.65
C THR A 438 -14.10 4.49 -31.45
N ASP A 439 -13.22 4.30 -32.44
CA ASP A 439 -13.36 3.20 -33.38
C ASP A 439 -12.98 1.86 -32.76
N ILE A 440 -11.89 1.83 -32.00
CA ILE A 440 -11.52 0.63 -31.25
C ILE A 440 -12.42 0.44 -30.03
N GLY A 441 -13.07 1.52 -29.58
CA GLY A 441 -14.03 1.44 -28.50
C GLY A 441 -15.19 0.52 -28.80
N LYS A 442 -15.73 0.62 -30.02
CA LYS A 442 -16.88 -0.18 -30.45
C LYS A 442 -16.54 -1.68 -30.61
N CYS A 443 -15.31 -1.99 -31.02
CA CYS A 443 -14.90 -3.39 -31.18
C CYS A 443 -14.76 -4.12 -29.86
N LEU A 444 -14.47 -3.38 -28.80
CA LEU A 444 -14.37 -3.96 -27.47
C LEU A 444 -15.72 -4.50 -27.08
N ILE A 445 -15.74 -5.71 -26.54
CA ILE A 445 -16.98 -6.28 -26.01
C ILE A 445 -17.04 -5.91 -24.51
N LEU A 446 -18.08 -5.17 -24.12
CA LEU A 446 -18.22 -4.71 -22.75
C LEU A 446 -19.43 -5.37 -22.06
N PRO A 447 -19.36 -5.55 -20.75
CA PRO A 447 -20.52 -6.08 -20.02
C PRO A 447 -21.61 -5.04 -19.90
N GLU A 448 -22.85 -5.46 -20.09
CA GLU A 448 -24.02 -4.60 -19.89
C GLU A 448 -24.27 -4.47 -18.39
N TYR A 449 -24.96 -3.41 -18.00
CA TYR A 449 -25.14 -3.08 -16.59
C TYR A 449 -25.81 -4.20 -15.77
N SER A 450 -26.89 -4.76 -16.31
CA SER A 450 -27.64 -5.81 -15.62
C SER A 450 -26.80 -7.07 -15.36
N VAL A 451 -25.79 -7.29 -16.21
CA VAL A 451 -24.87 -8.40 -16.04
C VAL A 451 -24.01 -8.17 -14.81
N LEU A 452 -23.47 -6.95 -14.72
CA LEU A 452 -22.57 -6.58 -13.63
C LEU A 452 -23.28 -6.55 -12.29
N ARG A 453 -24.52 -6.05 -12.28
CA ARG A 453 -25.31 -6.04 -11.04
C ARG A 453 -25.57 -7.46 -10.56
N ARG A 454 -25.84 -8.38 -11.49
CA ARG A 454 -26.16 -9.75 -11.11
C ARG A 454 -24.93 -10.43 -10.57
N ARG A 455 -23.80 -10.29 -11.26
CA ARG A 455 -22.54 -10.87 -10.78
C ARG A 455 -22.26 -10.43 -9.35
N TRP A 456 -22.52 -9.15 -9.09
CA TRP A 456 -22.31 -8.55 -7.77
C TRP A 456 -23.25 -9.16 -6.73
N LEU A 457 -24.53 -9.28 -7.07
CA LEU A 457 -25.52 -9.86 -6.15
C LEU A 457 -25.15 -11.30 -5.82
N ASP A 458 -24.79 -12.08 -6.85
CA ASP A 458 -24.35 -13.47 -6.68
C ASP A 458 -23.19 -13.64 -5.71
N LEU A 459 -22.33 -12.64 -5.58
CA LEU A 459 -21.22 -12.71 -4.61
C LEU A 459 -21.68 -12.91 -3.16
N PHE A 460 -22.96 -12.60 -2.90
CA PHE A 460 -23.61 -12.88 -1.62
C PHE A 460 -24.60 -14.07 -1.77
#